data_9HGP
#
_entry.id   9HGP
#
_cell.length_a   81.682
_cell.length_b   78.970
_cell.length_c   46.116
_cell.angle_alpha   90.000
_cell.angle_beta   90.000
_cell.angle_gamma   90.000
#
_symmetry.space_group_name_H-M   'P 21 21 2'
#
loop_
_entity.id
_entity.type
_entity.pdbx_description
1 polymer 'Carbonic anhydrase 2'
2 polymer 'Synthetic aromatic oligoamide foldamer'
3 non-polymer 'ZINC ION'
4 non-polymer 2-AMINO-2-HYDROXYMETHYL-PROPANE-1,3-DIOL
5 non-polymer 'DIMETHYL SULFOXIDE'
6 water water
#
loop_
_entity_poly.entity_id
_entity_poly.type
_entity_poly.pdbx_seq_one_letter_code
_entity_poly.pdbx_strand_id
1 'polypeptide(L)'
;MAHHWGYGKHNGPEHWHKDFPIAKGERQSPVDIDTHTAKYDPSLKPLSVSYDQATSLRILNNGHAFNVEFDDSQDKAVLK
GGPLDGTYRLIQFHFHWGSLDGQGSEHTVDKKKYAAELHLVHWNTKYGDFGKAVQQPDGLAVLGIFLKVGSAKPGLQKVV
DVLDSIKTKGKSADFTNFDPRGLLPESLDYWTYPGSLTTPPLLECVTWIVLKEPISVSSEQVLKFRKLNFNGEGEPEELM
VDNWRPAQPLKNRQIKASFK
;
A
2 'polypeptide(L)'
;(A1IUP)(QUJ)(ZY9)(QVS)(QUK)(ZY9)(A1IUO)(QVS)(ZY9)(QVS)(A1IJP)(QDD)(ZY9)(QVE)
(QUK)
;
D
#
loop_
_chem_comp.id
_chem_comp.type
_chem_comp.name
_chem_comp.formula
A1IUP peptide-like '4-[3-[[(4-sulfamoylphenyl)carbonylamino]methyl]phenoxy]butylcarbamic acid' 'C19 H23 N3 O6 S'
DMS non-polymer 'DIMETHYL SULFOXIDE' 'C2 H6 O S'
TRS non-polymer 2-AMINO-2-HYDROXYMETHYL-PROPANE-1,3-DIOL 'C4 H12 N O3 1'
ZN non-polymer 'ZINC ION' 'Zn 2'
#
# COMPACT_ATOMS: atom_id res chain seq x y z
N HIS A 4 -1.72 19.25 -1.78
CA HIS A 4 -3.09 19.72 -1.99
C HIS A 4 -4.12 18.57 -2.17
N TRP A 5 -3.74 17.50 -2.87
CA TRP A 5 -4.62 16.37 -3.12
C TRP A 5 -5.02 15.66 -1.82
N GLY A 6 -6.15 14.99 -1.86
CA GLY A 6 -6.69 14.27 -0.71
C GLY A 6 -7.68 13.21 -1.18
N TYR A 7 -8.69 12.96 -0.34
CA TYR A 7 -9.77 12.03 -0.68
C TYR A 7 -11.15 12.67 -0.61
N GLY A 8 -11.22 14.00 -0.45
CA GLY A 8 -12.49 14.70 -0.35
C GLY A 8 -13.20 14.82 -1.69
N LYS A 9 -14.33 15.51 -1.64
CA LYS A 9 -15.22 15.62 -2.81
C LYS A 9 -14.49 16.23 -4.01
N HIS A 10 -13.65 17.24 -3.77
CA HIS A 10 -13.02 17.95 -4.88
C HIS A 10 -11.54 17.67 -5.04
N ASN A 11 -10.84 17.25 -4.00
CA ASN A 11 -9.42 16.95 -4.13
C ASN A 11 -9.16 15.45 -4.17
N GLY A 12 -10.21 14.64 -4.23
CA GLY A 12 -10.09 13.20 -4.15
C GLY A 12 -9.82 12.53 -5.48
N PRO A 13 -9.82 11.18 -5.46
CA PRO A 13 -9.36 10.41 -6.63
C PRO A 13 -10.05 10.76 -7.94
N GLU A 14 -11.34 11.06 -7.93
CA GLU A 14 -12.00 11.28 -9.20
C GLU A 14 -11.51 12.55 -9.90
N HIS A 15 -10.73 13.40 -9.21
CA HIS A 15 -10.20 14.61 -9.80
C HIS A 15 -8.66 14.67 -9.83
N TRP A 16 -7.98 13.60 -9.42
CA TRP A 16 -6.52 13.64 -9.40
C TRP A 16 -5.92 13.90 -10.78
N HIS A 17 -6.61 13.45 -11.83
CA HIS A 17 -6.07 13.56 -13.17
C HIS A 17 -5.84 14.99 -13.61
N LYS A 18 -6.54 15.96 -13.02
CA LYS A 18 -6.33 17.37 -13.38
C LYS A 18 -4.89 17.79 -13.09
N ASP A 19 -4.33 17.36 -11.95
CA ASP A 19 -2.96 17.71 -11.61
C ASP A 19 -1.96 16.59 -11.88
N PHE A 20 -2.42 15.36 -12.05
CA PHE A 20 -1.55 14.20 -12.25
C PHE A 20 -2.10 13.49 -13.47
N PRO A 21 -1.78 13.97 -14.67
CA PRO A 21 -2.37 13.37 -15.87
C PRO A 21 -2.09 11.89 -16.01
N ILE A 22 -0.99 11.37 -15.42
CA ILE A 22 -0.74 9.92 -15.43
C ILE A 22 -1.88 9.13 -14.80
N ALA A 23 -2.79 9.79 -14.06
CA ALA A 23 -3.92 9.09 -13.45
C ALA A 23 -4.81 8.40 -14.47
N LYS A 24 -4.78 8.82 -15.74
CA LYS A 24 -5.51 8.15 -16.81
C LYS A 24 -4.59 7.29 -17.65
N GLY A 25 -3.49 6.82 -17.07
CA GLY A 25 -2.51 6.03 -17.78
C GLY A 25 -2.93 4.60 -18.00
N GLU A 26 -2.03 3.84 -18.63
CA GLU A 26 -2.35 2.50 -19.09
C GLU A 26 -2.19 1.42 -18.02
N ARG A 27 -1.56 1.71 -16.88
CA ARG A 27 -1.42 0.69 -15.86
C ARG A 27 -1.52 1.32 -14.47
N GLN A 28 -2.67 1.94 -14.24
CA GLN A 28 -2.99 2.49 -12.93
C GLN A 28 -3.51 1.40 -12.01
N SER A 29 -3.30 1.62 -10.70
CA SER A 29 -3.77 0.78 -9.62
C SER A 29 -4.64 1.56 -8.66
N PRO A 30 -5.51 0.89 -7.89
CA PRO A 30 -5.74 -0.57 -7.87
C PRO A 30 -6.64 -1.05 -9.00
N VAL A 31 -6.91 -2.36 -9.05
CA VAL A 31 -7.80 -2.97 -10.02
C VAL A 31 -8.65 -4.03 -9.33
N ASP A 32 -9.77 -4.36 -9.94
CA ASP A 32 -10.55 -5.49 -9.48
C ASP A 32 -9.88 -6.76 -9.98
N ILE A 33 -9.81 -7.77 -9.11
CA ILE A 33 -9.21 -9.06 -9.45
C ILE A 33 -10.36 -10.00 -9.75
N ASP A 34 -10.62 -10.25 -11.04
CA ASP A 34 -11.59 -11.25 -11.47
C ASP A 34 -10.95 -12.63 -11.40
N THR A 35 -11.36 -13.42 -10.40
CA THR A 35 -10.71 -14.70 -10.14
C THR A 35 -10.87 -15.67 -11.30
N HIS A 36 -11.96 -15.54 -12.07
N HIS A 36 -11.94 -15.51 -12.09
CA HIS A 36 -12.11 -16.43 -13.22
CA HIS A 36 -12.22 -16.37 -13.23
C HIS A 36 -11.06 -16.15 -14.27
C HIS A 36 -11.36 -16.04 -14.45
N THR A 37 -10.71 -14.88 -14.47
CA THR A 37 -9.83 -14.48 -15.56
C THR A 37 -8.36 -14.54 -15.21
N ALA A 38 -8.02 -14.45 -13.93
CA ALA A 38 -6.62 -14.48 -13.49
C ALA A 38 -6.12 -15.91 -13.54
N LYS A 39 -5.18 -16.18 -14.46
CA LYS A 39 -4.70 -17.52 -14.70
C LYS A 39 -3.54 -17.87 -13.78
N TYR A 40 -3.53 -19.12 -13.31
CA TYR A 40 -2.35 -19.67 -12.67
C TYR A 40 -1.15 -19.58 -13.61
N ASP A 41 -0.03 -19.07 -13.10
CA ASP A 41 1.21 -19.03 -13.85
C ASP A 41 2.22 -19.96 -13.17
N PRO A 42 2.54 -21.10 -13.77
CA PRO A 42 3.50 -22.02 -13.16
C PRO A 42 4.95 -21.60 -13.27
N SER A 43 5.26 -20.47 -13.90
CA SER A 43 6.64 -20.01 -13.95
C SER A 43 6.98 -19.06 -12.79
N LEU A 44 5.98 -18.59 -12.05
CA LEU A 44 6.23 -17.80 -10.85
C LEU A 44 7.03 -18.61 -9.85
N LYS A 45 8.21 -18.10 -9.47
CA LYS A 45 9.03 -18.75 -8.45
C LYS A 45 8.49 -18.44 -7.06
N PRO A 46 8.86 -19.21 -6.03
CA PRO A 46 8.26 -18.99 -4.71
C PRO A 46 8.56 -17.60 -4.15
N LEU A 47 7.60 -17.06 -3.41
CA LEU A 47 7.77 -15.78 -2.75
C LEU A 47 8.63 -15.90 -1.49
N SER A 48 9.68 -15.09 -1.41
CA SER A 48 10.61 -15.13 -0.30
C SER A 48 10.57 -13.79 0.42
N VAL A 49 10.43 -13.84 1.74
CA VAL A 49 10.38 -12.65 2.57
C VAL A 49 11.38 -12.84 3.71
N SER A 50 12.38 -11.96 3.78
CA SER A 50 13.44 -12.08 4.78
C SER A 50 13.38 -10.86 5.70
N TYR A 51 12.66 -10.99 6.81
CA TYR A 51 12.37 -9.89 7.72
C TYR A 51 12.99 -10.02 9.10
N ASP A 52 13.75 -11.08 9.38
CA ASP A 52 14.24 -11.28 10.74
C ASP A 52 15.07 -10.10 11.23
N GLN A 53 15.82 -9.45 10.33
CA GLN A 53 16.65 -8.29 10.66
C GLN A 53 15.96 -6.96 10.35
N ALA A 54 14.64 -6.96 10.14
CA ALA A 54 13.93 -5.70 9.88
C ALA A 54 14.12 -4.73 11.04
N THR A 55 14.37 -3.46 10.70
CA THR A 55 14.62 -2.39 11.66
C THR A 55 13.63 -1.25 11.40
N SER A 56 12.48 -1.29 12.05
CA SER A 56 11.56 -0.17 12.00
C SER A 56 12.18 1.02 12.73
N LEU A 57 11.88 2.22 12.23
CA LEU A 57 12.44 3.47 12.76
C LEU A 57 11.39 4.37 13.39
N ARG A 58 10.33 4.73 12.66
CA ARG A 58 9.35 5.65 13.21
C ARG A 58 8.00 5.43 12.54
N ILE A 59 6.96 5.95 13.19
CA ILE A 59 5.63 5.98 12.63
C ILE A 59 5.20 7.43 12.46
N LEU A 60 4.46 7.72 11.39
CA LEU A 60 4.19 9.10 11.05
C LEU A 60 2.81 9.23 10.43
N ASN A 61 2.11 10.31 10.75
CA ASN A 61 0.86 10.64 10.10
C ASN A 61 1.16 11.70 9.06
N ASN A 62 1.03 11.36 7.78
CA ASN A 62 1.41 12.29 6.73
C ASN A 62 0.20 13.01 6.12
N GLY A 63 -0.97 12.92 6.75
CA GLY A 63 -2.16 13.58 6.25
C GLY A 63 -3.05 12.74 5.36
N HIS A 64 -2.55 11.61 4.87
N HIS A 64 -2.55 11.61 4.85
CA HIS A 64 -3.36 10.71 4.06
CA HIS A 64 -3.38 10.72 4.05
C HIS A 64 -3.48 9.33 4.68
C HIS A 64 -3.34 9.25 4.45
N ALA A 65 -2.46 8.87 5.38
CA ALA A 65 -2.43 7.57 6.04
C ALA A 65 -1.42 7.70 7.18
N PHE A 66 -1.05 6.60 7.82
CA PHE A 66 0.15 6.64 8.66
C PHE A 66 1.14 5.64 8.11
N ASN A 67 2.42 6.03 8.11
CA ASN A 67 3.50 5.21 7.58
C ASN A 67 4.41 4.75 8.71
N VAL A 68 4.69 3.45 8.75
CA VAL A 68 5.79 2.90 9.53
C VAL A 68 7.01 2.78 8.60
N GLU A 69 8.08 3.47 8.96
CA GLU A 69 9.27 3.58 8.13
C GLU A 69 10.38 2.66 8.65
N PHE A 70 11.18 2.15 7.72
CA PHE A 70 12.23 1.18 8.04
C PHE A 70 13.57 1.67 7.51
N ASP A 71 14.63 1.13 8.09
CA ASP A 71 15.99 1.34 7.60
C ASP A 71 16.21 0.47 6.36
N ASP A 72 16.36 1.10 5.19
CA ASP A 72 16.57 0.40 3.94
C ASP A 72 17.98 0.60 3.41
N SER A 73 18.95 0.80 4.30
CA SER A 73 20.33 1.03 3.88
C SER A 73 21.07 -0.26 3.55
N GLN A 74 20.53 -1.42 3.92
CA GLN A 74 21.06 -2.69 3.47
C GLN A 74 19.90 -3.69 3.40
N ASP A 75 20.23 -4.91 2.97
CA ASP A 75 19.22 -5.96 2.77
C ASP A 75 18.67 -6.53 4.07
N LYS A 76 18.22 -5.68 5.00
CA LYS A 76 17.77 -6.16 6.30
C LYS A 76 16.36 -6.74 6.27
N ALA A 77 15.54 -6.27 5.32
CA ALA A 77 14.14 -6.65 5.25
C ALA A 77 13.82 -6.66 3.76
N VAL A 78 13.95 -7.84 3.15
CA VAL A 78 13.91 -7.93 1.69
C VAL A 78 12.86 -8.94 1.24
N LEU A 79 12.23 -8.58 0.12
CA LEU A 79 11.33 -9.42 -0.64
C LEU A 79 12.05 -9.91 -1.89
N LYS A 80 11.88 -11.19 -2.21
CA LYS A 80 12.50 -11.80 -3.38
C LYS A 80 11.55 -12.86 -3.94
N GLY A 81 11.83 -13.30 -5.16
CA GLY A 81 11.05 -14.39 -5.72
C GLY A 81 9.73 -13.92 -6.30
N GLY A 82 8.74 -14.81 -6.31
CA GLY A 82 7.49 -14.53 -6.96
C GLY A 82 7.73 -14.07 -8.39
N PRO A 83 7.11 -12.95 -8.77
CA PRO A 83 7.35 -12.37 -10.09
C PRO A 83 8.59 -11.48 -10.19
N LEU A 84 9.36 -11.33 -9.13
CA LEU A 84 10.42 -10.33 -9.07
C LEU A 84 11.76 -10.88 -9.52
N ASP A 85 12.52 -10.07 -10.24
CA ASP A 85 13.93 -10.30 -10.48
C ASP A 85 14.74 -9.40 -9.54
N GLY A 86 15.58 -9.99 -8.72
CA GLY A 86 16.42 -9.24 -7.82
C GLY A 86 15.82 -9.06 -6.43
N THR A 87 16.30 -8.03 -5.75
CA THR A 87 16.08 -7.87 -4.32
C THR A 87 15.38 -6.56 -4.05
N TYR A 88 14.29 -6.60 -3.29
CA TYR A 88 13.50 -5.41 -3.05
C TYR A 88 13.53 -5.14 -1.55
N ARG A 89 13.95 -3.93 -1.18
CA ARG A 89 14.09 -3.54 0.22
C ARG A 89 12.81 -2.89 0.73
N LEU A 90 12.33 -3.37 1.88
CA LEU A 90 11.20 -2.73 2.54
C LEU A 90 11.57 -1.33 3.01
N ILE A 91 10.79 -0.35 2.61
CA ILE A 91 11.01 1.03 3.02
C ILE A 91 9.94 1.51 4.00
N GLN A 92 8.68 1.13 3.79
CA GLN A 92 7.58 1.57 4.65
C GLN A 92 6.36 0.70 4.40
N PHE A 93 5.45 0.68 5.36
CA PHE A 93 4.12 0.13 5.14
C PHE A 93 3.07 1.08 5.70
N HIS A 94 1.85 0.95 5.18
CA HIS A 94 0.74 1.79 5.61
C HIS A 94 -0.55 1.06 5.26
N PHE A 95 -1.68 1.68 5.60
CA PHE A 95 -2.99 1.09 5.37
C PHE A 95 -3.88 2.08 4.62
N HIS A 96 -4.90 1.52 3.98
CA HIS A 96 -6.09 2.23 3.54
C HIS A 96 -7.28 1.57 4.19
N TRP A 97 -8.24 2.36 4.67
CA TRP A 97 -9.37 1.78 5.36
C TRP A 97 -10.60 2.65 5.11
N GLY A 98 -11.76 2.12 5.52
CA GLY A 98 -13.03 2.75 5.26
C GLY A 98 -13.67 3.34 6.51
N SER A 99 -14.75 4.09 6.29
CA SER A 99 -15.58 4.56 7.38
C SER A 99 -16.57 3.49 7.86
N LEU A 100 -16.57 2.34 7.19
CA LEU A 100 -17.61 1.34 7.28
C LEU A 100 -16.94 0.00 6.93
N ASP A 101 -17.23 -1.06 7.69
CA ASP A 101 -16.50 -2.31 7.50
C ASP A 101 -16.63 -2.82 6.06
N GLY A 102 -17.72 -2.45 5.37
CA GLY A 102 -18.03 -2.89 4.02
C GLY A 102 -17.22 -2.26 2.91
N GLN A 103 -16.37 -1.27 3.21
CA GLN A 103 -15.50 -0.65 2.21
C GLN A 103 -14.16 -0.35 2.87
N GLY A 104 -13.18 0.02 2.05
CA GLY A 104 -11.88 0.35 2.59
C GLY A 104 -10.71 -0.21 1.81
N SER A 105 -10.86 -1.38 1.20
CA SER A 105 -9.76 -1.94 0.45
C SER A 105 -9.63 -1.20 -0.88
N GLU A 106 -8.41 -1.21 -1.42
CA GLU A 106 -8.16 -0.60 -2.72
C GLU A 106 -8.41 -1.60 -3.82
N HIS A 107 -7.64 -2.68 -3.86
CA HIS A 107 -7.99 -3.78 -4.75
C HIS A 107 -9.29 -4.42 -4.30
N THR A 108 -9.98 -5.03 -5.25
CA THR A 108 -11.16 -5.83 -4.96
C THR A 108 -11.02 -7.19 -5.63
N VAL A 109 -11.79 -8.15 -5.14
CA VAL A 109 -11.76 -9.52 -5.63
C VAL A 109 -13.19 -9.87 -6.04
N ASP A 110 -13.41 -10.04 -7.34
CA ASP A 110 -14.76 -10.20 -7.88
C ASP A 110 -15.69 -9.13 -7.33
N LYS A 111 -15.21 -7.88 -7.34
CA LYS A 111 -15.90 -6.68 -6.84
C LYS A 111 -16.10 -6.66 -5.34
N LYS A 112 -15.61 -7.63 -4.59
CA LYS A 112 -15.77 -7.60 -3.15
C LYS A 112 -14.76 -6.61 -2.53
N LYS A 113 -15.27 -5.72 -1.68
CA LYS A 113 -14.42 -4.80 -0.92
C LYS A 113 -14.15 -5.36 0.46
N TYR A 114 -12.89 -5.27 0.90
CA TYR A 114 -12.54 -5.60 2.27
C TYR A 114 -12.52 -4.33 3.13
N ALA A 115 -12.46 -4.52 4.45
CA ALA A 115 -12.53 -3.40 5.37
C ALA A 115 -11.28 -2.52 5.30
N ALA A 116 -10.14 -3.08 4.90
CA ALA A 116 -8.90 -2.31 4.84
C ALA A 116 -7.90 -3.09 4.01
N GLU A 117 -6.81 -2.41 3.65
CA GLU A 117 -5.72 -3.01 2.88
C GLU A 117 -4.40 -2.46 3.38
N LEU A 118 -3.49 -3.39 3.69
CA LEU A 118 -2.13 -3.11 4.14
C LEU A 118 -1.16 -3.21 2.97
N HIS A 119 -0.31 -2.19 2.79
CA HIS A 119 0.68 -2.17 1.72
C HIS A 119 2.08 -2.12 2.32
N LEU A 120 2.87 -3.16 2.05
CA LEU A 120 4.28 -3.19 2.41
C LEU A 120 5.10 -2.83 1.17
N VAL A 121 5.74 -1.66 1.22
CA VAL A 121 6.33 -1.02 0.04
C VAL A 121 7.81 -1.35 -0.02
N HIS A 122 8.26 -1.96 -1.12
CA HIS A 122 9.68 -2.31 -1.32
C HIS A 122 10.19 -1.72 -2.63
N TRP A 123 11.50 -1.45 -2.69
CA TRP A 123 12.14 -0.91 -3.89
C TRP A 123 13.32 -1.77 -4.32
N ASN A 124 13.62 -1.69 -5.62
CA ASN A 124 14.52 -2.60 -6.31
C ASN A 124 15.96 -2.12 -6.19
N THR A 125 16.82 -2.91 -5.51
CA THR A 125 18.22 -2.50 -5.32
C THR A 125 18.97 -2.39 -6.64
N LYS A 126 18.40 -2.88 -7.73
CA LYS A 126 18.92 -2.59 -9.07
C LYS A 126 19.20 -1.10 -9.26
N TYR A 127 18.37 -0.25 -8.67
CA TYR A 127 18.52 1.19 -8.73
C TYR A 127 19.17 1.71 -7.44
N GLY A 128 19.58 2.96 -7.47
CA GLY A 128 20.44 3.44 -6.38
C GLY A 128 19.72 3.51 -5.05
N ASP A 129 18.46 3.97 -5.07
CA ASP A 129 17.72 4.35 -3.89
C ASP A 129 16.25 4.38 -4.28
N PHE A 130 15.40 4.68 -3.31
CA PHE A 130 13.97 4.76 -3.61
C PHE A 130 13.70 5.77 -4.72
N GLY A 131 14.37 6.92 -4.66
CA GLY A 131 14.09 8.00 -5.61
C GLY A 131 14.35 7.62 -7.05
N LYS A 132 15.39 6.82 -7.30
CA LYS A 132 15.61 6.35 -8.67
C LYS A 132 14.68 5.22 -9.04
N ALA A 133 14.33 4.37 -8.06
CA ALA A 133 13.50 3.20 -8.32
C ALA A 133 12.08 3.59 -8.73
N VAL A 134 11.50 4.62 -8.09
CA VAL A 134 10.11 4.97 -8.38
C VAL A 134 9.92 5.42 -9.82
N GLN A 135 11.01 5.75 -10.51
CA GLN A 135 10.96 6.25 -11.87
C GLN A 135 11.06 5.16 -12.91
N GLN A 136 10.91 3.88 -12.52
CA GLN A 136 11.12 2.76 -13.43
C GLN A 136 10.00 1.74 -13.32
N PRO A 137 9.57 1.16 -14.44
CA PRO A 137 8.48 0.17 -14.38
C PRO A 137 8.74 -0.99 -13.44
N ASP A 138 10.01 -1.39 -13.26
CA ASP A 138 10.36 -2.50 -12.38
C ASP A 138 10.94 -2.02 -11.06
N GLY A 139 10.60 -0.82 -10.65
CA GLY A 139 11.22 -0.19 -9.50
C GLY A 139 10.66 -0.57 -8.14
N LEU A 140 9.35 -0.73 -8.02
CA LEU A 140 8.75 -1.03 -6.73
C LEU A 140 8.04 -2.38 -6.75
N ALA A 141 7.95 -3.00 -5.58
CA ALA A 141 7.10 -4.17 -5.37
C ALA A 141 6.30 -3.89 -4.12
N VAL A 142 4.97 -3.91 -4.24
CA VAL A 142 4.12 -3.65 -3.10
C VAL A 142 3.33 -4.92 -2.81
N LEU A 143 3.51 -5.42 -1.61
CA LEU A 143 2.77 -6.56 -1.11
C LEU A 143 1.48 -6.05 -0.47
N GLY A 144 0.34 -6.47 -1.00
CA GLY A 144 -0.96 -6.00 -0.56
C GLY A 144 -1.70 -7.11 0.16
N ILE A 145 -2.24 -6.77 1.33
CA ILE A 145 -2.84 -7.74 2.24
C ILE A 145 -4.18 -7.20 2.72
N PHE A 146 -5.24 -7.95 2.45
CA PHE A 146 -6.57 -7.48 2.85
C PHE A 146 -6.80 -7.68 4.35
N LEU A 147 -7.59 -6.78 4.93
CA LEU A 147 -8.02 -6.88 6.33
C LEU A 147 -9.52 -7.09 6.36
N LYS A 148 -9.96 -8.05 7.17
CA LYS A 148 -11.38 -8.21 7.47
C LYS A 148 -11.55 -8.12 8.97
N VAL A 149 -12.78 -7.82 9.38
CA VAL A 149 -13.12 -7.59 10.78
C VAL A 149 -13.46 -8.94 11.41
N GLY A 150 -12.76 -9.28 12.48
CA GLY A 150 -12.91 -10.57 13.14
C GLY A 150 -12.15 -10.59 14.46
N SER A 151 -11.38 -11.64 14.70
CA SER A 151 -10.56 -11.67 15.91
C SER A 151 -9.39 -10.69 15.77
N ALA A 152 -8.91 -10.21 16.91
CA ALA A 152 -7.85 -9.20 16.88
C ALA A 152 -6.55 -9.80 16.34
N LYS A 153 -5.77 -8.95 15.68
CA LYS A 153 -4.45 -9.29 15.14
C LYS A 153 -3.39 -8.89 16.16
N PRO A 154 -2.81 -9.84 16.91
CA PRO A 154 -1.87 -9.45 17.98
C PRO A 154 -0.68 -8.67 17.47
N GLY A 155 -0.12 -9.06 16.34
CA GLY A 155 1.00 -8.35 15.76
C GLY A 155 0.69 -6.95 15.30
N LEU A 156 -0.60 -6.58 15.26
CA LEU A 156 -1.01 -5.23 14.94
C LEU A 156 -1.14 -4.34 16.17
N GLN A 157 -1.21 -4.93 17.37
CA GLN A 157 -1.57 -4.15 18.55
C GLN A 157 -0.53 -3.10 18.87
N LYS A 158 0.75 -3.36 18.57
CA LYS A 158 1.77 -2.37 18.86
C LYS A 158 1.61 -1.12 17.99
N VAL A 159 1.15 -1.29 16.76
CA VAL A 159 0.85 -0.13 15.92
C VAL A 159 -0.36 0.62 16.47
N VAL A 160 -1.44 -0.11 16.75
CA VAL A 160 -2.67 0.51 17.24
C VAL A 160 -2.41 1.28 18.53
N ASP A 161 -1.55 0.75 19.41
CA ASP A 161 -1.30 1.35 20.71
C ASP A 161 -0.51 2.66 20.65
N VAL A 162 -0.09 3.15 19.49
CA VAL A 162 0.61 4.42 19.41
C VAL A 162 -0.11 5.43 18.53
N LEU A 163 -1.29 5.08 17.99
CA LEU A 163 -1.98 5.98 17.07
C LEU A 163 -2.43 7.26 17.78
N ASP A 164 -2.76 7.20 19.07
CA ASP A 164 -3.11 8.41 19.83
C ASP A 164 -1.99 9.43 19.84
N SER A 165 -0.75 9.01 19.62
CA SER A 165 0.36 9.96 19.60
C SER A 165 0.59 10.58 18.22
N ILE A 166 -0.10 10.10 17.18
CA ILE A 166 0.04 10.66 15.84
C ILE A 166 -1.33 10.94 15.25
N LYS A 167 -2.22 11.51 16.07
CA LYS A 167 -3.61 11.72 15.66
C LYS A 167 -3.71 12.58 14.39
N THR A 168 -2.85 13.58 14.25
CA THR A 168 -3.02 14.59 13.22
C THR A 168 -1.82 14.67 12.29
N LYS A 169 -2.07 15.30 11.13
CA LYS A 169 -1.09 15.40 10.07
C LYS A 169 0.18 16.11 10.55
N GLY A 170 1.33 15.54 10.18
CA GLY A 170 2.62 16.06 10.57
C GLY A 170 3.22 15.45 11.84
N LYS A 171 2.42 14.81 12.68
CA LYS A 171 2.95 14.21 13.90
C LYS A 171 3.67 12.89 13.60
N SER A 172 4.77 12.66 14.31
CA SER A 172 5.53 11.42 14.19
C SER A 172 6.05 11.02 15.57
N ALA A 173 6.55 9.78 15.65
CA ALA A 173 7.07 9.22 16.89
C ALA A 173 8.04 8.09 16.56
N ASP A 174 9.06 7.93 17.42
CA ASP A 174 9.93 6.77 17.32
C ASP A 174 9.12 5.49 17.45
N PHE A 175 9.52 4.46 16.69
CA PHE A 175 8.71 3.25 16.59
C PHE A 175 9.67 2.11 16.21
N THR A 176 10.34 1.57 17.22
CA THR A 176 11.41 0.61 17.01
C THR A 176 10.94 -0.82 17.27
N ASN A 177 11.68 -1.77 16.69
CA ASN A 177 11.53 -3.21 16.96
C ASN A 177 10.15 -3.76 16.55
N PHE A 178 9.51 -3.16 15.55
CA PHE A 178 8.26 -3.71 15.05
C PHE A 178 8.53 -4.82 14.04
N ASP A 179 7.88 -5.96 14.23
CA ASP A 179 8.09 -7.13 13.39
C ASP A 179 6.99 -7.19 12.33
N PRO A 180 7.27 -6.84 11.08
CA PRO A 180 6.21 -6.91 10.06
C PRO A 180 5.73 -8.32 9.77
N ARG A 181 6.49 -9.35 10.18
CA ARG A 181 6.01 -10.72 9.99
C ARG A 181 4.69 -10.94 10.72
N GLY A 182 4.49 -10.27 11.86
CA GLY A 182 3.26 -10.37 12.61
C GLY A 182 2.02 -9.80 11.91
N LEU A 183 2.19 -9.24 10.70
CA LEU A 183 1.06 -8.78 9.91
C LEU A 183 0.70 -9.72 8.77
N LEU A 184 1.37 -10.88 8.67
CA LEU A 184 1.12 -11.72 7.50
C LEU A 184 0.00 -12.73 7.75
N PRO A 185 -0.71 -13.15 6.71
CA PRO A 185 -1.69 -14.24 6.86
C PRO A 185 -0.99 -15.60 6.76
N GLU A 186 -1.78 -16.65 6.91
CA GLU A 186 -1.20 -18.00 6.95
C GLU A 186 -0.70 -18.43 5.59
N SER A 187 -1.46 -18.14 4.54
CA SER A 187 -1.07 -18.48 3.18
C SER A 187 -0.54 -17.26 2.47
N LEU A 188 0.53 -17.45 1.69
CA LEU A 188 1.04 -16.38 0.85
C LEU A 188 0.69 -16.60 -0.62
N ASP A 189 -0.31 -17.43 -0.92
CA ASP A 189 -0.91 -17.44 -2.24
C ASP A 189 -1.27 -16.02 -2.64
N TYR A 190 -1.01 -15.65 -3.90
CA TYR A 190 -1.17 -14.26 -4.29
C TYR A 190 -1.54 -14.13 -5.76
N TRP A 191 -2.02 -12.93 -6.11
CA TRP A 191 -2.15 -12.50 -7.49
C TRP A 191 -1.12 -11.42 -7.77
N THR A 192 -0.69 -11.30 -9.03
CA THR A 192 0.29 -10.28 -9.35
C THR A 192 -0.04 -9.67 -10.69
N TYR A 193 0.29 -8.39 -10.85
CA TYR A 193 0.09 -7.67 -12.08
C TYR A 193 0.92 -6.40 -12.04
N PRO A 194 1.23 -5.80 -13.20
CA PRO A 194 1.97 -4.53 -13.22
C PRO A 194 1.07 -3.31 -13.10
N GLY A 195 1.46 -2.38 -12.26
CA GLY A 195 0.60 -1.26 -11.92
C GLY A 195 1.35 -0.06 -11.36
N SER A 196 0.71 0.66 -10.46
CA SER A 196 1.14 2.01 -10.15
C SER A 196 1.03 2.27 -8.67
N LEU A 197 1.60 3.40 -8.26
CA LEU A 197 1.23 3.99 -6.98
C LEU A 197 -0.27 4.32 -7.00
N THR A 198 -0.94 4.07 -5.88
CA THR A 198 -2.37 4.38 -5.73
C THR A 198 -2.62 5.76 -5.14
N THR A 199 -1.57 6.52 -4.84
CA THR A 199 -1.67 7.93 -4.47
C THR A 199 -0.77 8.73 -5.39
N PRO A 200 -1.07 10.01 -5.61
CA PRO A 200 -0.15 10.86 -6.40
C PRO A 200 1.25 10.78 -5.85
N PRO A 201 2.29 10.73 -6.70
CA PRO A 201 2.30 11.00 -8.16
C PRO A 201 1.81 9.86 -9.04
N LEU A 202 1.34 8.75 -8.48
CA LEU A 202 0.69 7.68 -9.27
C LEU A 202 1.61 7.09 -10.33
N LEU A 203 2.91 7.06 -10.07
CA LEU A 203 3.85 6.56 -11.07
C LEU A 203 3.63 5.05 -11.28
N GLU A 204 3.79 4.62 -12.53
CA GLU A 204 3.48 3.24 -12.90
C GLU A 204 4.70 2.34 -12.72
N CYS A 205 5.20 2.32 -11.48
CA CYS A 205 6.46 1.69 -11.16
C CYS A 205 6.33 0.44 -10.29
N VAL A 206 5.11 -0.11 -10.12
CA VAL A 206 4.84 -1.09 -9.06
C VAL A 206 4.54 -2.46 -9.65
N THR A 207 5.28 -3.48 -9.21
CA THR A 207 4.82 -4.85 -9.38
C THR A 207 3.94 -5.18 -8.18
N TRP A 208 2.63 -5.35 -8.42
CA TRP A 208 1.69 -5.60 -7.35
C TRP A 208 1.66 -7.09 -6.99
N ILE A 209 1.69 -7.38 -5.71
CA ILE A 209 1.61 -8.76 -5.22
C ILE A 209 0.52 -8.72 -4.16
N VAL A 210 -0.66 -9.24 -4.47
CA VAL A 210 -1.81 -9.12 -3.59
C VAL A 210 -2.16 -10.51 -3.05
N LEU A 211 -2.09 -10.65 -1.73
CA LEU A 211 -2.33 -11.94 -1.10
C LEU A 211 -3.82 -12.28 -1.10
N LYS A 212 -4.11 -13.54 -1.42
CA LYS A 212 -5.50 -14.01 -1.48
C LYS A 212 -6.11 -14.04 -0.09
N GLU A 213 -5.37 -14.50 0.90
CA GLU A 213 -5.92 -14.71 2.23
C GLU A 213 -5.84 -13.41 3.03
N PRO A 214 -6.95 -12.89 3.54
CA PRO A 214 -6.89 -11.69 4.38
C PRO A 214 -6.41 -12.02 5.77
N ILE A 215 -5.86 -11.01 6.43
CA ILE A 215 -5.67 -11.09 7.87
C ILE A 215 -6.93 -10.57 8.54
N SER A 216 -7.15 -11.01 9.76
CA SER A 216 -8.34 -10.63 10.50
C SER A 216 -7.94 -9.69 11.63
N VAL A 217 -8.66 -8.58 11.75
CA VAL A 217 -8.45 -7.60 12.81
C VAL A 217 -9.79 -7.40 13.52
N SER A 218 -9.71 -6.78 14.70
CA SER A 218 -10.89 -6.62 15.54
C SER A 218 -11.56 -5.28 15.25
N SER A 219 -12.86 -5.23 15.54
CA SER A 219 -13.56 -3.95 15.53
C SER A 219 -12.77 -2.90 16.32
N GLU A 220 -12.33 -3.27 17.52
CA GLU A 220 -11.57 -2.36 18.36
C GLU A 220 -10.36 -1.80 17.63
N GLN A 221 -9.70 -2.62 16.82
CA GLN A 221 -8.48 -2.18 16.13
C GLN A 221 -8.78 -1.19 15.00
N VAL A 222 -9.81 -1.48 14.19
CA VAL A 222 -10.11 -0.60 13.05
C VAL A 222 -10.75 0.69 13.53
N LEU A 223 -11.56 0.64 14.58
CA LEU A 223 -12.08 1.87 15.17
C LEU A 223 -10.98 2.81 15.61
N LYS A 224 -9.80 2.28 15.96
CA LYS A 224 -8.69 3.18 16.28
C LYS A 224 -8.08 3.79 15.02
N PHE A 225 -8.09 3.06 13.89
CA PHE A 225 -7.69 3.65 12.61
C PHE A 225 -8.59 4.83 12.27
N ARG A 226 -9.91 4.65 12.43
CA ARG A 226 -10.89 5.66 12.08
C ARG A 226 -10.83 6.87 12.99
N LYS A 227 -10.04 6.82 14.06
CA LYS A 227 -9.96 7.97 14.96
C LYS A 227 -8.86 8.95 14.56
N LEU A 228 -7.99 8.56 13.62
CA LEU A 228 -6.95 9.47 13.14
C LEU A 228 -7.60 10.64 12.37
N ASN A 229 -6.81 11.70 12.16
CA ASN A 229 -7.28 12.88 11.46
C ASN A 229 -6.47 13.11 10.19
N PHE A 230 -7.17 13.47 9.11
CA PHE A 230 -6.53 14.02 7.91
C PHE A 230 -5.88 15.37 8.21
N ASN A 231 -6.54 16.18 9.04
CA ASN A 231 -6.19 17.55 9.31
C ASN A 231 -4.97 17.66 10.22
N GLY A 232 -4.36 18.84 10.22
CA GLY A 232 -3.37 19.17 11.22
C GLY A 232 -3.99 19.65 12.52
N GLU A 233 -3.23 19.51 13.61
CA GLU A 233 -3.72 19.87 14.92
C GLU A 233 -4.14 21.35 14.94
N GLY A 234 -5.33 21.61 15.46
CA GLY A 234 -5.87 22.95 15.47
C GLY A 234 -6.81 23.29 14.32
N GLU A 235 -6.70 22.60 13.18
CA GLU A 235 -7.63 22.78 12.06
C GLU A 235 -8.92 22.00 12.30
N PRO A 236 -9.99 22.34 11.56
CA PRO A 236 -11.26 21.60 11.72
C PRO A 236 -11.08 20.11 11.44
N GLU A 237 -11.70 19.27 12.28
CA GLU A 237 -11.48 17.83 12.19
C GLU A 237 -12.04 17.26 10.89
N GLU A 238 -11.21 16.49 10.19
CA GLU A 238 -11.67 15.56 9.16
C GLU A 238 -11.09 14.19 9.48
N LEU A 239 -11.95 13.25 9.86
CA LEU A 239 -11.50 11.94 10.27
C LEU A 239 -10.82 11.22 9.11
N MET A 240 -9.67 10.61 9.40
CA MET A 240 -8.97 9.83 8.38
C MET A 240 -9.73 8.54 8.11
N VAL A 241 -10.70 8.59 7.18
CA VAL A 241 -11.45 7.41 6.75
C VAL A 241 -11.66 7.49 5.25
N ASP A 242 -11.96 6.32 4.65
CA ASP A 242 -12.11 6.20 3.21
C ASP A 242 -10.92 6.84 2.47
N ASN A 243 -9.71 6.47 2.88
CA ASN A 243 -8.51 6.92 2.19
C ASN A 243 -8.05 5.89 1.15
N TRP A 244 -8.99 5.42 0.34
CA TRP A 244 -8.71 4.43 -0.68
C TRP A 244 -9.07 4.98 -2.06
N ARG A 245 -8.28 4.59 -3.07
CA ARG A 245 -8.59 4.85 -4.46
C ARG A 245 -9.42 3.70 -5.02
N PRO A 246 -10.47 3.99 -5.80
CA PRO A 246 -11.30 2.91 -6.38
C PRO A 246 -10.58 2.19 -7.51
N ALA A 247 -11.17 1.04 -7.88
CA ALA A 247 -10.61 0.21 -8.95
C ALA A 247 -10.47 1.03 -10.22
N GLN A 248 -9.33 0.86 -10.91
CA GLN A 248 -9.02 1.53 -12.16
C GLN A 248 -9.12 0.57 -13.34
N PRO A 249 -9.28 1.07 -14.57
CA PRO A 249 -9.42 0.16 -15.73
C PRO A 249 -8.21 -0.74 -15.91
N LEU A 250 -8.48 -2.02 -16.17
CA LEU A 250 -7.42 -3.01 -16.32
C LEU A 250 -6.65 -2.86 -17.62
N LYS A 251 -7.31 -2.36 -18.67
CA LYS A 251 -6.72 -2.11 -20.00
C LYS A 251 -6.09 -3.40 -20.51
N ASN A 252 -4.88 -3.37 -21.03
CA ASN A 252 -4.37 -4.55 -21.72
C ASN A 252 -3.73 -5.58 -20.79
N ARG A 253 -3.93 -5.46 -19.47
CA ARG A 253 -3.15 -6.23 -18.51
C ARG A 253 -3.82 -7.54 -18.14
N GLN A 254 -3.01 -8.52 -17.75
CA GLN A 254 -3.50 -9.78 -17.21
C GLN A 254 -3.00 -9.95 -15.78
N ILE A 255 -3.87 -10.49 -14.93
CA ILE A 255 -3.53 -10.79 -13.56
C ILE A 255 -3.10 -12.24 -13.52
N LYS A 256 -1.94 -12.50 -12.91
CA LYS A 256 -1.45 -13.86 -12.82
C LYS A 256 -1.63 -14.36 -11.40
N ALA A 257 -2.08 -15.60 -11.27
CA ALA A 257 -2.27 -16.22 -9.97
C ALA A 257 -1.11 -17.16 -9.71
N SER A 258 -0.71 -17.25 -8.43
CA SER A 258 0.42 -18.06 -8.05
C SER A 258 0.04 -19.47 -7.64
N PHE A 259 -1.26 -19.77 -7.58
CA PHE A 259 -1.78 -21.03 -7.08
C PHE A 259 -2.59 -21.70 -8.17
N LYS A 260 -2.51 -23.04 -8.24
CA LYS A 260 -3.20 -23.81 -9.28
C LYS A 260 -4.71 -23.65 -9.21
C4 A1IUP B 1 9.83 13.98 -1.51
C5 A1IUP B 1 11.24 13.50 -1.81
C6 A1IUP B 1 11.41 12.06 -1.32
C7 A1IUP B 1 10.17 11.22 -1.62
C8 A1IUP B 1 8.96 10.32 -3.45
C9 A1IUP B 1 8.88 9.94 -4.79
N3 A1IUP B 1 9.70 15.30 -2.07
O7 A1IUP B 1 10.12 10.95 -3.00
C13 A1IUP B 1 7.89 10.07 -2.60
C10 A1IUP B 1 7.74 9.32 -5.27
C11 A1IUP B 1 6.66 9.08 -4.43
C12 A1IUP B 1 6.76 9.45 -3.09
C14 A1IUP B 1 5.60 9.25 -2.13
N15 A1IUP B 1 4.69 8.16 -2.33
C16 A1IUP B 1 5.12 6.78 -2.22
O17 A1IUP B 1 6.26 6.50 -1.98
C18 A1IUP B 1 4.06 5.70 -2.37
C19 A1IUP B 1 2.79 6.06 -2.80
C20 A1IUP B 1 1.81 5.09 -2.91
C21 A1IUP B 1 2.10 3.80 -2.53
S24 A1IUP B 1 0.81 2.55 -2.64
O27 A1IUP B 1 1.22 1.34 -1.96
O25 A1IUP B 1 0.65 2.19 -4.05
N26 A1IUP B 1 -0.61 3.23 -1.97
C22 A1IUP B 1 3.35 3.43 -2.08
C23 A1IUP B 1 4.35 4.39 -1.99
C A1IUP B 1 8.43 15.99 -2.13
O A1IUP B 1 7.44 15.51 -1.73
C2 QUJ B 2 7.38 18.42 -2.66
C3 QUJ B 2 6.13 18.37 -2.04
C4 QUJ B 2 5.38 19.53 -1.96
C5 QUJ B 2 5.88 20.71 -2.50
C6 QUJ B 2 7.13 20.75 -3.11
C8 QUJ B 2 7.66 21.88 -3.66
C9 QUJ B 2 8.90 21.83 -4.27
CA QUJ B 2 9.61 20.62 -4.31
O QUJ B 2 11.23 21.85 -5.09
C QUJ B 2 10.99 20.62 -4.97
N11 QUJ B 2 9.07 19.54 -3.78
C7 QUJ B 2 7.87 19.60 -3.19
N QUJ B 2 8.20 17.25 -2.77
OB QUJ B 2 6.94 23.08 -3.60
CG QUJ B 2 6.27 23.43 -4.78
CD QUJ B 2 6.19 24.95 -4.88
CE2 QUJ B 2 5.51 25.53 -3.65
CE1 QUJ B 2 5.42 25.32 -6.14
O ZY9 B 3 11.02 13.42 -5.47
C ZY9 B 3 10.93 14.67 -5.55
CA ZY9 B 3 12.14 15.57 -5.72
N11 ZY9 B 3 12.03 16.91 -5.71
C9 ZY9 B 3 13.38 14.96 -5.91
C8 ZY9 B 3 14.49 15.72 -6.07
C6 ZY9 B 3 14.38 17.07 -6.05
C7 ZY9 B 3 13.15 17.67 -5.86
C2 ZY9 B 3 13.15 19.21 -5.85
N ZY9 B 3 11.86 19.80 -5.57
OB QVS B 4 3.86 16.16 -5.29
C8 QVS B 4 5.20 16.53 -5.53
C9 QVS B 4 5.48 17.67 -5.93
CA QVS B 4 6.71 17.99 -6.16
C QVS B 4 7.21 19.36 -6.63
O QVS B 4 6.35 20.26 -6.53
N11 QVS B 4 7.76 17.21 -5.99
C7 QVS B 4 7.65 15.84 -5.53
C6 QVS B 4 6.08 15.58 -5.30
C5 QVS B 4 5.85 14.19 -4.83
C4 QVS B 4 6.88 13.37 -4.63
C3 QVS B 4 8.04 13.72 -4.86
C2 QVS B 4 8.47 14.81 -5.25
N QVS B 4 9.80 15.34 -5.52
O QUK B 5 13.01 16.90 -9.36
C QUK B 5 11.77 16.91 -9.10
C10 QUK B 5 11.47 18.43 -9.00
N11 QUK B 5 10.39 18.95 -8.45
C7 QUK B 5 10.21 20.29 -8.36
CA QUK B 5 9.01 20.71 -7.77
N QUK B 5 8.29 19.53 -7.37
C9 QUK B 5 12.44 19.29 -9.49
C8 QUK B 5 12.28 20.69 -9.43
C6 QUK B 5 11.11 21.20 -8.84
C5 QUK B 5 10.81 22.58 -8.70
C4 QUK B 5 9.63 22.99 -8.10
C3 QUK B 5 8.70 22.06 -7.63
OB QUK B 5 13.29 21.52 -9.94
CG QUK B 5 13.06 22.25 -11.11
CD QUK B 5 13.64 23.64 -10.87
CE QUK B 5 15.05 23.72 -11.44
N1 QUK B 5 15.79 22.54 -11.00
O ZY9 B 6 5.08 14.85 -8.89
C ZY9 B 6 6.24 15.33 -9.01
CA ZY9 B 6 7.43 14.41 -8.79
N11 ZY9 B 6 8.71 14.80 -8.98
C9 ZY9 B 6 7.18 13.10 -8.40
C8 ZY9 B 6 8.19 12.21 -8.20
C6 ZY9 B 6 9.46 12.59 -8.39
C7 ZY9 B 6 9.71 13.89 -8.79
C2 ZY9 B 6 11.17 14.30 -8.99
N ZY9 B 6 11.19 15.72 -9.18
C2 A1IUO B 7 5.99 18.61 -10.60
C3 A1IUO B 7 5.11 19.60 -11.05
C4 A1IUO B 7 3.79 19.61 -10.61
C5 A1IUO B 7 3.32 18.61 -9.74
C10 A1IUO B 7 -1.09 21.49 -6.79
C11 A1IUO B 7 -0.22 20.64 -6.64
C12 A1IUO B 7 0.52 20.11 -7.68
C13 A1IUO B 7 1.76 18.93 -7.69
C6 A1IUO B 7 4.21 17.58 -9.27
N A1IUO B 7 6.52 16.58 -9.34
CA A1IUO B 7 5.51 17.61 -9.72
C A1IUO B 7 9.44 19.02 -11.96
O A1IUO B 7 10.17 20.00 -12.28
C05 A1IUO B 7 1.86 18.64 -9.28
C06 A1IUO B 7 1.23 19.76 -9.83
C07 A1IUO B 7 0.33 20.51 -9.15
C08 A1IUO B 7 -0.79 21.57 -9.06
C09 A1IUO B 7 -1.39 21.94 -7.88
CME A1IUO B 7 8.09 20.80 -11.01
CST A1IUO B 7 8.00 19.44 -11.73
OET A1IUO B 7 7.38 18.46 -10.98
OB QVS B 8 12.61 12.70 -12.91
C8 QVS B 8 11.53 13.56 -12.68
C9 QVS B 8 10.41 13.10 -12.42
CA QVS B 8 9.39 13.86 -12.18
C QVS B 8 8.01 13.25 -11.86
O QVS B 8 8.26 12.01 -11.82
N11 QVS B 8 9.43 15.20 -12.19
C7 QVS B 8 10.67 15.94 -12.49
C6 QVS B 8 11.82 14.84 -12.75
C5 QVS B 8 13.14 15.51 -13.05
C4 QVS B 8 13.22 16.85 -13.09
C3 QVS B 8 12.24 17.56 -12.88
C2 QVS B 8 11.07 17.23 -12.60
N QVS B 8 9.79 17.81 -12.32
O ZY9 B 9 4.23 19.27 -14.08
C ZY9 B 9 4.91 18.22 -13.98
CA ZY9 B 9 4.38 16.99 -13.26
N11 ZY9 B 9 5.13 15.87 -13.12
C9 ZY9 B 9 3.09 17.01 -12.74
C8 ZY9 B 9 2.59 15.93 -12.08
C6 ZY9 B 9 3.35 14.81 -11.93
C7 ZY9 B 9 4.64 14.79 -12.44
C2 ZY9 B 9 5.44 13.49 -12.28
N ZY9 B 9 6.74 13.59 -11.68
OB QVS B 10 11.65 19.23 -16.45
C8 QVS B 10 10.55 18.46 -16.06
C9 QVS B 10 10.68 17.22 -16.04
CA QVS B 10 9.70 16.48 -15.68
C QVS B 10 9.74 14.96 -15.63
O QVS B 10 10.88 14.49 -15.85
N11 QVS B 10 8.51 16.92 -15.31
C7 QVS B 10 8.16 18.33 -15.27
C6 QVS B 10 9.48 19.14 -15.74
C5 QVS B 10 9.23 20.61 -15.73
C4 QVS B 10 8.01 21.08 -15.36
C3 QVS B 10 7.08 20.33 -15.02
C2 QVS B 10 7.06 19.08 -14.96
N QVS B 10 6.09 18.05 -14.55
N A1IJP B 11 8.68 14.15 -15.54
C A1IJP B 11 4.13 14.55 -15.78
O A1IJP B 11 2.92 14.33 -15.43
CB A1IJP B 11 7.30 8.67 -15.25
CG A1IJP B 11 8.52 7.76 -15.26
CD A1IJP B 11 8.10 6.29 -15.25
CE1 A1IJP B 11 7.92 5.62 -14.04
CE2 A1IJP B 11 7.53 4.30 -14.05
CE3 A1IJP B 11 7.31 3.64 -15.25
CE4 A1IJP B 11 7.48 4.31 -16.46
CE5 A1IJP B 11 7.88 5.64 -16.45
C2 A1IJP B 11 8.55 12.72 -15.48
C3 A1IJP B 11 9.53 11.76 -15.38
C4 A1IJP B 11 9.08 10.44 -15.31
C5 A1IJP B 11 7.72 10.13 -15.32
C6 A1IJP B 11 6.75 11.14 -15.42
C7 A1IJP B 11 7.19 12.43 -15.49
C8 A1IJP B 11 5.35 10.91 -15.45
C9 A1IJP B 11 4.52 12.03 -15.56
CA A1IJP B 11 5.05 13.33 -15.63
N11 A1IJP B 11 6.36 13.47 -15.60
OD1 QDD B 12 4.96 22.51 -16.94
CG QDD B 12 5.58 22.18 -17.98
OD2 QDD B 12 6.71 22.72 -18.22
CB QDD B 12 4.96 21.15 -18.94
C8 QDD B 12 5.21 19.70 -18.47
C9 QDD B 12 6.44 19.13 -18.74
C10 QDD B 12 6.74 17.82 -18.35
C QDD B 12 8.13 17.29 -18.71
O QDD B 12 8.74 18.34 -19.11
N11 QDD B 12 5.81 17.13 -17.68
C7 QDD B 12 4.61 17.68 -17.42
C6 QDD B 12 4.26 18.96 -17.80
C5 QDD B 12 2.98 19.41 -17.47
C4 QDD B 12 2.10 18.58 -16.77
C3 QDD B 12 2.46 17.27 -16.40
C2 QDD B 12 3.74 16.84 -16.76
N QDD B 12 4.43 15.61 -16.53
O ZY9 B 13 5.91 10.60 -18.39
C ZY9 B 13 6.17 11.78 -18.68
CA ZY9 B 13 7.62 12.24 -18.78
N11 ZY9 B 13 7.98 13.53 -18.99
C9 ZY9 B 13 8.59 11.25 -18.68
C8 ZY9 B 13 9.91 11.54 -18.76
C6 ZY9 B 13 10.29 12.83 -18.97
C7 ZY9 B 13 9.31 13.82 -19.08
C2 ZY9 B 13 9.81 15.24 -19.32
N ZY9 B 13 8.80 16.14 -18.85
O QVE B 14 4.00 17.97 -20.92
C QVE B 14 4.55 16.86 -20.66
CA QVE B 14 3.56 15.82 -20.20
N11 QVE B 14 4.04 14.68 -19.78
C7 QVE B 14 3.20 13.73 -19.36
C2 QVE B 14 3.81 12.56 -18.91
N QVE B 14 5.27 12.71 -19.01
C9 QVE B 14 2.19 16.06 -20.25
C8 QVE B 14 1.31 15.07 -19.84
OB QVE B 14 -0.07 15.24 -19.84
CG QVE B 14 -0.50 16.58 -19.84
CD QVE B 14 -2.03 16.53 -19.84
OE2 QVE B 14 -2.67 17.59 -19.60
OE1 QVE B 14 -2.65 15.46 -20.05
C6 QVE B 14 1.85 13.86 -19.37
C5 QVE B 14 1.07 12.79 -18.92
C4 QVE B 14 1.69 11.62 -18.47
C3 QVE B 14 3.08 11.49 -18.47
O QUK B 15 7.15 12.28 -22.16
C QUK B 15 8.28 12.83 -22.24
C10 QUK B 15 8.42 14.34 -22.49
N11 QUK B 15 7.56 15.22 -22.00
C7 QUK B 15 7.71 16.55 -22.24
CA QUK B 15 6.75 17.43 -21.72
N QUK B 15 5.83 16.65 -20.97
C9 QUK B 15 9.49 14.76 -23.26
C8 QUK B 15 9.66 16.11 -23.51
C6 QUK B 15 8.74 17.04 -22.99
C5 QUK B 15 8.81 18.43 -23.19
C4 QUK B 15 7.86 19.31 -22.64
C3 QUK B 15 6.81 18.82 -21.88
OB QUK B 15 10.74 16.55 -24.27
CG QUK B 15 11.69 15.57 -24.63
CD QUK B 15 12.90 16.35 -25.13
CE QUK B 15 12.98 17.72 -24.44
OXT QUK B 15 9.34 12.13 -22.16
N1 QUK B 15 13.90 17.63 -23.33
ZN ZN C . -1.05 2.15 -0.32
C TRS D . 8.56 7.44 1.06
C1 TRS D . 9.39 6.42 1.83
C2 TRS D . 8.63 8.78 1.77
C3 TRS D . 7.12 6.93 0.98
N TRS D . 9.14 7.57 -0.29
O1 TRS D . 8.90 6.35 3.16
O2 TRS D . 7.80 9.75 1.13
O3 TRS D . 7.04 5.66 0.33
S DMS E . -12.19 -13.74 2.97
O DMS E . -12.46 -13.96 1.51
C1 DMS E . -13.63 -12.99 3.80
C2 DMS E . -12.06 -15.31 3.85
#